data_6YV1
#
_entry.id   6YV1
#
_cell.length_a   1.00
_cell.length_b   1.00
_cell.length_c   1.00
_cell.angle_alpha   90.00
_cell.angle_beta   90.00
_cell.angle_gamma   90.00
#
_symmetry.space_group_name_H-M   'P 1'
#
_entity_poly.entity_id   1
_entity_poly.type   'polypeptide(L)'
_entity_poly.pdbx_seq_one_letter_code
;MGDTGLRKRREDEKSIQSQEPKTTSLQKELGLISGISIIVGTIIGSGIFVSPKSVLSNTEAVGPCLIIWAACGVLATLGA
LCFAELGTMITKSGGEYPYLMEAYGPIPAYLFSWASLIVIKPTSFAIICLSFSEYVCAPFYVGCKPPQIVVKCLAAAAIL
FISTVNSLSVRLGSYVQNIFTAAKLVIVAIIIISGLVLLAQGNTKNFDNSFEGAQLSVGAISLAFYNGLWAYDGWNQLNY
ITEELRNPYRNLPLAIIIGIPLVTACYILMNVSYFTVMTATELLQSQAVAVTFGDRVLYPASWIVPLFVAFSTIGAANGT
CFTAGRLIYVAGREGHMLKVLSYISVRRLTPAPAIIFYGIIATIYIIPGDINSLVNYFSFAAWLFYGLTILGLIVMRFTR
KELERPIKVPVVIPVLMTLISVFLVLAPIISKPTWEYLYCVLFILSGLLFYFLFVHYKFGWAQKISKPITMHLQMLMEVV
PPEEDPE
;
_entity_poly.pdbx_strand_id   A
#
# COMPACT_ATOMS: atom_id res chain seq x y z
N GLY A 31 -24.44 -10.31 5.59
CA GLY A 31 -23.95 -11.39 4.76
C GLY A 31 -22.99 -10.92 3.67
N LEU A 32 -23.54 -10.58 2.51
CA LEU A 32 -22.70 -10.12 1.41
C LEU A 32 -22.18 -8.71 1.68
N ILE A 33 -23.03 -7.81 2.19
CA ILE A 33 -22.59 -6.46 2.47
C ILE A 33 -21.55 -6.45 3.59
N SER A 34 -21.66 -7.37 4.55
CA SER A 34 -20.64 -7.46 5.60
C SER A 34 -19.30 -7.87 5.02
N GLY A 35 -19.29 -8.87 4.13
CA GLY A 35 -18.05 -9.25 3.49
C GLY A 35 -17.46 -8.14 2.63
N ILE A 36 -18.33 -7.40 1.93
CA ILE A 36 -17.85 -6.27 1.13
C ILE A 36 -17.22 -5.21 2.02
N SER A 37 -17.84 -4.92 3.16
CA SER A 37 -17.29 -3.93 4.08
C SER A 37 -15.96 -4.41 4.67
N ILE A 38 -15.86 -5.69 5.00
CA ILE A 38 -14.60 -6.22 5.52
C ILE A 38 -13.50 -6.14 4.46
N ILE A 39 -13.85 -6.44 3.21
CA ILE A 39 -12.86 -6.37 2.14
C ILE A 39 -12.41 -4.93 1.92
N VAL A 40 -13.35 -3.99 1.94
CA VAL A 40 -12.99 -2.58 1.75
C VAL A 40 -12.15 -2.08 2.90
N GLY A 41 -12.41 -2.57 4.12
CA GLY A 41 -11.67 -2.09 5.28
C GLY A 41 -10.21 -2.48 5.25
N THR A 42 -9.91 -3.69 4.80
CA THR A 42 -8.53 -4.18 4.76
C THR A 42 -7.78 -3.78 3.49
N ILE A 43 -8.42 -3.03 2.60
CA ILE A 43 -7.79 -2.58 1.36
C ILE A 43 -7.42 -1.10 1.42
N ILE A 44 -8.34 -0.26 1.90
CA ILE A 44 -8.09 1.18 2.01
C ILE A 44 -7.17 1.39 3.21
N GLY A 45 -5.87 1.56 2.95
CA GLY A 45 -4.89 1.78 3.97
C GLY A 45 -4.27 3.16 3.90
N SER A 46 -3.12 3.29 4.56
CA SER A 46 -2.38 4.55 4.58
C SER A 46 -1.44 4.66 3.38
N GLY A 47 -2.00 4.47 2.19
CA GLY A 47 -1.21 4.54 0.97
C GLY A 47 -1.88 5.33 -0.13
N ILE A 48 -3.08 5.85 0.15
CA ILE A 48 -3.80 6.64 -0.85
C ILE A 48 -3.37 8.10 -0.83
N PHE A 49 -2.85 8.60 0.29
CA PHE A 49 -2.37 9.97 0.38
C PHE A 49 -0.84 10.04 0.41
N VAL A 50 -0.16 8.98 0.00
CA VAL A 50 1.30 8.97 -0.08
C VAL A 50 1.71 8.60 -1.49
N SER A 51 0.84 7.90 -2.20
CA SER A 51 1.12 7.39 -3.54
C SER A 51 1.09 8.47 -4.63
N PRO A 52 0.11 9.38 -4.67
CA PRO A 52 0.04 10.33 -5.80
C PRO A 52 1.31 11.13 -6.03
N LYS A 53 2.00 11.55 -4.96
CA LYS A 53 3.21 12.34 -5.13
C LYS A 53 4.27 11.57 -5.91
N SER A 54 4.37 10.27 -5.69
CA SER A 54 5.35 9.45 -6.39
C SER A 54 4.85 8.92 -7.72
N VAL A 55 3.53 8.81 -7.90
CA VAL A 55 2.99 8.33 -9.16
C VAL A 55 2.84 9.44 -10.20
N LEU A 56 2.84 10.70 -9.77
CA LEU A 56 2.80 11.81 -10.72
C LEU A 56 4.21 12.24 -11.15
N SER A 57 5.22 11.97 -10.32
CA SER A 57 6.59 12.30 -10.69
C SER A 57 7.15 11.40 -11.78
N ASN A 58 6.45 10.31 -12.12
CA ASN A 58 6.86 9.42 -13.20
C ASN A 58 6.02 9.59 -14.45
N THR A 59 4.71 9.81 -14.32
CA THR A 59 3.86 10.02 -15.48
C THR A 59 3.89 11.48 -15.94
N GLU A 60 4.10 12.42 -15.02
CA GLU A 60 4.21 13.84 -15.33
C GLU A 60 2.96 14.38 -16.02
N ALA A 61 1.79 13.86 -15.64
CA ALA A 61 0.54 14.29 -16.24
C ALA A 61 -0.62 13.92 -15.31
N VAL A 62 -1.81 14.30 -15.73
CA VAL A 62 -3.02 14.03 -14.96
C VAL A 62 -3.82 12.87 -15.54
N GLY A 63 -4.04 12.88 -16.85
CA GLY A 63 -4.76 11.82 -17.53
C GLY A 63 -4.07 10.47 -17.40
N PRO A 64 -2.82 10.38 -17.86
CA PRO A 64 -2.06 9.13 -17.64
C PRO A 64 -1.99 8.71 -16.18
N CYS A 65 -1.99 9.65 -15.24
CA CYS A 65 -1.99 9.27 -13.83
C CYS A 65 -3.26 8.52 -13.45
N LEU A 66 -4.42 9.06 -13.84
CA LEU A 66 -5.68 8.36 -13.56
C LEU A 66 -5.77 7.04 -14.32
N ILE A 67 -5.20 6.99 -15.53
CA ILE A 67 -5.20 5.74 -16.29
C ILE A 67 -4.38 4.68 -15.57
N ILE A 68 -3.21 5.08 -15.06
CA ILE A 68 -2.36 4.15 -14.32
C ILE A 68 -3.04 3.71 -13.03
N TRP A 69 -3.76 4.62 -12.38
CA TRP A 69 -4.48 4.26 -11.17
C TRP A 69 -5.59 3.25 -11.46
N ALA A 70 -6.35 3.47 -12.54
CA ALA A 70 -7.40 2.52 -12.91
C ALA A 70 -6.80 1.17 -13.31
N ALA A 71 -5.65 1.18 -13.99
CA ALA A 71 -4.99 -0.06 -14.34
C ALA A 71 -4.54 -0.82 -13.10
N CYS A 72 -3.96 -0.11 -12.13
CA CYS A 72 -3.57 -0.74 -10.87
C CYS A 72 -4.79 -1.30 -10.14
N GLY A 73 -5.90 -0.58 -10.18
CA GLY A 73 -7.11 -1.06 -9.53
C GLY A 73 -7.64 -2.33 -10.15
N VAL A 74 -7.72 -2.36 -11.49
CA VAL A 74 -8.22 -3.56 -12.16
C VAL A 74 -7.23 -4.71 -12.01
N LEU A 75 -5.92 -4.42 -11.93
CA LEU A 75 -4.94 -5.47 -11.71
C LEU A 75 -5.10 -6.08 -10.31
N ALA A 76 -5.28 -5.24 -9.30
CA ALA A 76 -5.53 -5.75 -7.95
C ALA A 76 -6.84 -6.54 -7.91
N THR A 77 -7.85 -6.08 -8.64
CA THR A 77 -9.12 -6.80 -8.69
C THR A 77 -8.92 -8.21 -9.27
N LEU A 78 -8.22 -8.29 -10.41
CA LEU A 78 -7.97 -9.60 -11.02
C LEU A 78 -7.13 -10.48 -10.12
N GLY A 79 -6.13 -9.91 -9.46
CA GLY A 79 -5.30 -10.69 -8.56
C GLY A 79 -6.08 -11.25 -7.38
N ALA A 80 -6.96 -10.42 -6.78
CA ALA A 80 -7.78 -10.90 -5.68
C ALA A 80 -8.79 -11.94 -6.15
N LEU A 81 -9.34 -11.76 -7.35
CA LEU A 81 -10.26 -12.75 -7.88
C LEU A 81 -9.57 -14.08 -8.15
N CYS A 82 -8.31 -14.04 -8.58
CA CYS A 82 -7.57 -15.29 -8.79
C CYS A 82 -7.19 -15.94 -7.47
N PHE A 83 -6.81 -15.12 -6.48
CA PHE A 83 -6.49 -15.67 -5.15
C PHE A 83 -7.72 -16.26 -4.48
N ALA A 84 -8.91 -15.73 -4.78
CA ALA A 84 -10.13 -16.29 -4.22
C ALA A 84 -10.42 -17.70 -4.75
N GLU A 85 -9.87 -18.05 -5.91
CA GLU A 85 -10.01 -19.39 -6.46
C GLU A 85 -8.79 -20.26 -6.22
N LEU A 86 -7.64 -19.67 -5.89
CA LEU A 86 -6.43 -20.41 -5.60
C LEU A 86 -6.25 -20.70 -4.12
N GLY A 87 -6.86 -19.90 -3.24
CA GLY A 87 -6.69 -20.09 -1.81
C GLY A 87 -7.71 -21.02 -1.19
N THR A 88 -8.85 -21.21 -1.86
CA THR A 88 -9.91 -22.08 -1.38
C THR A 88 -9.86 -23.45 -2.04
N MET A 89 -8.70 -23.86 -2.55
CA MET A 89 -8.55 -25.17 -3.16
C MET A 89 -7.29 -25.90 -2.70
N ILE A 90 -6.43 -25.24 -1.93
CA ILE A 90 -5.19 -25.86 -1.45
C ILE A 90 -5.11 -25.70 0.07
N THR A 91 -6.18 -25.17 0.65
CA THR A 91 -6.23 -24.97 2.10
C THR A 91 -6.30 -26.30 2.85
N TYR A 99 2.99 -19.39 1.24
CA TYR A 99 3.60 -20.68 1.57
C TYR A 99 2.63 -21.82 1.31
N LEU A 100 1.37 -21.62 1.69
CA LEU A 100 0.35 -22.65 1.49
C LEU A 100 -0.01 -22.83 0.01
N MET A 101 0.24 -21.82 -0.82
CA MET A 101 -0.08 -21.90 -2.24
C MET A 101 1.03 -22.54 -3.06
N GLU A 102 2.24 -22.63 -2.52
CA GLU A 102 3.35 -23.24 -3.24
C GLU A 102 4.33 -23.91 -2.28
N PRO A 106 8.50 -26.41 -1.75
CA PRO A 106 9.89 -26.68 -2.10
C PRO A 106 10.77 -25.43 -2.06
N ILE A 107 11.65 -25.29 -3.05
CA ILE A 107 12.55 -24.14 -3.10
C ILE A 107 11.81 -22.82 -3.20
N PRO A 108 10.76 -22.76 -4.05
CA PRO A 108 10.02 -21.52 -4.17
C PRO A 108 9.37 -21.15 -2.84
N ALA A 109 8.81 -22.14 -2.14
CA ALA A 109 8.18 -21.90 -0.86
C ALA A 109 9.20 -21.38 0.13
N TYR A 110 10.39 -21.98 0.13
CA TYR A 110 11.44 -21.53 1.05
C TYR A 110 11.83 -20.10 0.75
N LEU A 111 11.94 -19.76 -0.53
CA LEU A 111 12.30 -18.40 -0.91
C LEU A 111 11.23 -17.43 -0.43
N PHE A 112 9.96 -17.80 -0.57
CA PHE A 112 8.89 -16.93 -0.12
C PHE A 112 8.96 -16.73 1.38
N SER A 113 9.25 -17.80 2.11
CA SER A 113 9.36 -17.72 3.56
C SER A 113 10.51 -16.80 3.96
N TRP A 114 11.63 -16.90 3.23
CA TRP A 114 12.81 -16.10 3.48
C TRP A 114 12.62 -14.63 3.11
N ALA A 115 11.89 -14.39 2.02
CA ALA A 115 11.65 -13.01 1.58
C ALA A 115 10.64 -12.31 2.45
N SER A 116 9.61 -13.03 2.93
CA SER A 116 8.59 -12.44 3.77
C SER A 116 9.08 -12.09 5.17
N LEU A 117 10.34 -12.42 5.49
CA LEU A 117 10.89 -12.13 6.81
C LEU A 117 11.83 -10.94 6.83
N ILE A 118 12.26 -10.45 5.67
CA ILE A 118 13.24 -9.37 5.57
C ILE A 118 12.73 -8.21 4.72
N VAL A 119 12.29 -8.50 3.50
CA VAL A 119 12.02 -7.47 2.51
C VAL A 119 10.53 -7.25 2.27
N ILE A 120 9.66 -8.05 2.87
CA ILE A 120 8.21 -7.94 2.66
C ILE A 120 7.51 -7.39 3.90
N LYS A 121 7.62 -8.08 5.03
CA LYS A 121 6.97 -7.65 6.25
C LYS A 121 7.71 -6.49 6.92
N PRO A 122 9.04 -6.57 7.11
CA PRO A 122 9.72 -5.43 7.75
C PRO A 122 9.76 -4.18 6.88
N THR A 123 9.85 -4.33 5.56
CA THR A 123 9.89 -3.17 4.69
C THR A 123 8.54 -2.45 4.67
N SER A 124 7.45 -3.21 4.52
CA SER A 124 6.13 -2.60 4.59
C SER A 124 5.83 -2.04 5.97
N PHE A 125 6.45 -2.60 7.01
CA PHE A 125 6.29 -2.07 8.36
C PHE A 125 6.99 -0.74 8.52
N ALA A 126 8.07 -0.51 7.75
CA ALA A 126 8.78 0.76 7.82
C ALA A 126 8.13 1.83 6.95
N ILE A 127 7.49 1.44 5.85
CA ILE A 127 6.83 2.41 4.99
C ILE A 127 5.63 3.03 5.70
N ILE A 128 4.90 2.22 6.46
CA ILE A 128 3.75 2.74 7.21
C ILE A 128 4.22 3.72 8.28
N CYS A 129 5.35 3.42 8.93
CA CYS A 129 5.88 4.32 9.94
C CYS A 129 6.48 5.58 9.32
N LEU A 130 7.09 5.46 8.14
CA LEU A 130 7.59 6.65 7.46
C LEU A 130 6.45 7.54 6.99
N SER A 131 5.33 6.93 6.58
CA SER A 131 4.17 7.72 6.19
C SER A 131 3.54 8.42 7.39
N PHE A 132 3.58 7.78 8.57
CA PHE A 132 3.07 8.43 9.77
C PHE A 132 3.98 9.56 10.23
N SER A 133 5.29 9.41 10.02
CA SER A 133 6.22 10.46 10.45
C SER A 133 6.11 11.68 9.56
N GLU A 134 5.97 11.49 8.25
CA GLU A 134 5.87 12.62 7.33
C GLU A 134 4.53 13.32 7.39
N TYR A 135 3.58 12.81 8.17
CA TYR A 135 2.26 13.42 8.29
C TYR A 135 1.98 14.02 9.65
N VAL A 136 2.69 13.59 10.70
CA VAL A 136 2.49 14.15 12.02
C VAL A 136 3.35 15.39 12.27
N CYS A 137 4.42 15.59 11.49
CA CYS A 137 5.29 16.75 11.63
C CYS A 137 5.22 17.66 10.41
N ALA A 138 4.23 17.45 9.54
CA ALA A 138 4.07 18.27 8.35
C ALA A 138 3.45 19.64 8.65
N PRO A 139 2.39 19.74 9.47
CA PRO A 139 1.85 21.07 9.77
C PRO A 139 2.81 21.97 10.52
N PHE A 140 3.81 21.41 11.19
CA PHE A 140 4.78 22.24 11.91
C PHE A 140 5.65 23.04 10.95
N TYR A 141 6.01 22.44 9.81
CA TYR A 141 6.79 23.10 8.78
C TYR A 141 5.85 23.47 7.64
N VAL A 142 5.22 24.63 7.75
CA VAL A 142 4.28 25.07 6.71
C VAL A 142 4.94 25.48 5.39
N GLY A 143 5.77 26.52 5.44
CA GLY A 143 6.45 27.03 4.26
C GLY A 143 7.45 26.12 3.57
N CYS A 144 8.21 25.35 4.35
CA CYS A 144 9.26 24.49 3.83
C CYS A 144 9.10 23.05 4.28
N LYS A 145 9.76 22.12 3.59
CA LYS A 145 9.71 20.72 3.96
C LYS A 145 10.50 20.46 5.24
N PRO A 146 10.09 19.43 6.02
CA PRO A 146 10.73 19.03 7.29
C PRO A 146 12.13 18.47 7.09
N PRO A 147 12.97 18.52 8.12
CA PRO A 147 14.33 17.98 7.91
C PRO A 147 14.32 16.45 7.87
N GLN A 148 15.32 15.91 7.18
CA GLN A 148 15.43 14.47 7.06
C GLN A 148 15.78 13.82 8.39
N ILE A 149 16.51 14.55 9.25
CA ILE A 149 16.88 14.01 10.55
C ILE A 149 15.66 13.89 11.45
N VAL A 150 14.77 14.88 11.39
CA VAL A 150 13.60 14.90 12.28
C VAL A 150 12.64 13.78 11.93
N VAL A 151 12.44 13.53 10.63
CA VAL A 151 11.45 12.54 10.21
C VAL A 151 11.96 11.13 10.46
N LYS A 152 13.29 10.93 10.48
CA LYS A 152 13.82 9.58 10.68
C LYS A 152 13.77 9.19 12.15
N CYS A 153 14.20 10.08 13.06
CA CYS A 153 14.13 9.77 14.48
C CYS A 153 12.70 9.65 14.96
N LEU A 154 11.79 10.44 14.37
CA LEU A 154 10.38 10.33 14.72
C LEU A 154 9.78 9.03 14.20
N ALA A 155 10.23 8.57 13.02
CA ALA A 155 9.77 7.29 12.51
C ALA A 155 10.38 6.13 13.30
N ALA A 156 11.65 6.25 13.69
CA ALA A 156 12.27 5.22 14.50
C ALA A 156 11.63 5.14 15.88
N ALA A 157 11.24 6.29 16.44
CA ALA A 157 10.55 6.28 17.72
C ALA A 157 9.17 5.65 17.60
N ALA A 158 8.52 5.83 16.45
CA ALA A 158 7.23 5.19 16.22
C ALA A 158 7.38 3.69 16.08
N ILE A 159 8.50 3.24 15.49
CA ILE A 159 8.74 1.81 15.35
C ILE A 159 8.95 1.16 16.71
N LEU A 160 9.79 1.76 17.55
CA LEU A 160 10.09 1.19 18.85
C LEU A 160 8.87 1.22 19.76
N PHE A 161 7.97 2.18 19.55
CA PHE A 161 6.81 2.30 20.42
C PHE A 161 5.81 1.17 20.17
N ILE A 162 5.42 0.98 18.90
CA ILE A 162 4.43 -0.04 18.59
C ILE A 162 5.02 -1.44 18.72
N SER A 163 6.33 -1.58 18.53
CA SER A 163 6.98 -2.87 18.75
C SER A 163 6.97 -3.25 20.22
N THR A 164 6.99 -2.26 21.11
CA THR A 164 6.91 -2.54 22.54
C THR A 164 5.47 -2.76 22.98
N VAL A 165 4.53 -2.02 22.40
CA VAL A 165 3.12 -2.19 22.77
C VAL A 165 2.61 -3.55 22.30
N ASN A 166 2.96 -3.95 21.07
CA ASN A 166 2.53 -5.24 20.56
C ASN A 166 3.18 -6.41 21.28
N SER A 167 4.32 -6.19 21.92
CA SER A 167 5.02 -7.22 22.66
C SER A 167 4.53 -7.36 24.10
N LEU A 168 3.46 -6.67 24.45
CA LEU A 168 2.91 -6.74 25.80
C LEU A 168 1.43 -7.13 25.78
N ASN A 178 -10.98 -1.08 15.65
CA ASN A 178 -12.06 -0.65 14.77
C ASN A 178 -12.14 0.87 14.71
N ILE A 179 -11.60 1.54 15.73
CA ILE A 179 -11.60 2.99 15.75
C ILE A 179 -10.67 3.55 14.70
N PHE A 180 -9.57 2.85 14.40
CA PHE A 180 -8.66 3.29 13.36
C PHE A 180 -9.31 3.22 11.98
N THR A 181 -10.13 2.18 11.75
CA THR A 181 -10.78 2.03 10.45
C THR A 181 -11.90 3.05 10.27
N ALA A 182 -12.63 3.35 11.34
CA ALA A 182 -13.72 4.32 11.23
C ALA A 182 -13.19 5.71 10.92
N ALA A 183 -12.13 6.13 11.60
CA ALA A 183 -11.56 7.45 11.34
C ALA A 183 -10.85 7.50 9.99
N LYS A 184 -10.42 6.35 9.48
CA LYS A 184 -9.74 6.33 8.18
C LYS A 184 -10.72 6.55 7.04
N LEU A 185 -11.92 5.98 7.14
CA LEU A 185 -12.93 6.16 6.10
C LEU A 185 -13.54 7.56 6.11
N VAL A 186 -13.41 8.28 7.22
CA VAL A 186 -13.96 9.64 7.30
C VAL A 186 -13.17 10.57 6.40
N ILE A 187 -11.84 10.48 6.44
CA ILE A 187 -11.00 11.34 5.61
C ILE A 187 -11.23 11.04 4.14
N VAL A 188 -11.34 9.76 3.79
CA VAL A 188 -11.59 9.39 2.39
C VAL A 188 -12.95 9.90 1.94
N ALA A 189 -13.93 9.90 2.85
CA ALA A 189 -15.26 10.42 2.50
C ALA A 189 -15.28 11.94 2.46
N ILE A 190 -14.56 12.59 3.37
CA ILE A 190 -14.55 14.05 3.41
C ILE A 190 -13.87 14.61 2.16
N ILE A 191 -12.71 14.05 1.79
CA ILE A 191 -11.97 14.55 0.64
C ILE A 191 -12.76 14.36 -0.64
N ILE A 192 -13.46 13.23 -0.76
CA ILE A 192 -14.26 12.97 -1.96
C ILE A 192 -15.46 13.90 -2.01
N ILE A 193 -16.18 14.04 -0.89
CA ILE A 193 -17.35 14.90 -0.85
C ILE A 193 -16.97 16.36 -1.05
N SER A 194 -15.95 16.82 -0.30
CA SER A 194 -15.52 18.21 -0.46
C SER A 194 -14.88 18.46 -1.82
N GLY A 195 -14.39 17.41 -2.48
CA GLY A 195 -13.82 17.57 -3.80
C GLY A 195 -14.87 17.70 -4.89
N LEU A 196 -16.08 17.22 -4.63
CA LEU A 196 -17.14 17.28 -5.63
C LEU A 196 -17.94 18.56 -5.53
N VAL A 197 -17.97 19.22 -4.37
CA VAL A 197 -18.73 20.44 -4.19
C VAL A 197 -17.98 21.60 -4.85
N LEU A 198 -16.73 21.36 -5.26
CA LEU A 198 -15.94 22.37 -5.97
C LEU A 198 -15.46 21.86 -7.32
N LEU A 199 -16.13 20.86 -7.89
CA LEU A 199 -15.80 20.32 -9.20
C LEU A 199 -16.90 20.53 -10.23
N ALA A 200 -18.17 20.33 -9.84
CA ALA A 200 -19.30 20.52 -10.73
C ALA A 200 -19.85 21.94 -10.71
N GLY A 219 10.57 1.71 -18.07
CA GLY A 219 11.36 2.54 -17.18
C GLY A 219 10.52 3.38 -16.25
N ALA A 220 10.02 4.51 -16.74
CA ALA A 220 9.19 5.41 -15.94
C ALA A 220 7.76 4.92 -15.80
N ILE A 221 7.33 3.95 -16.61
CA ILE A 221 5.97 3.42 -16.51
C ILE A 221 5.87 2.30 -15.50
N SER A 222 7.00 1.69 -15.10
CA SER A 222 6.94 0.62 -14.10
C SER A 222 6.91 1.17 -12.69
N LEU A 223 7.57 2.30 -12.44
CA LEU A 223 7.54 2.91 -11.13
C LEU A 223 6.15 3.44 -10.78
N ALA A 224 5.37 3.84 -11.79
CA ALA A 224 4.01 4.29 -11.53
C ALA A 224 3.14 3.14 -11.00
N PHE A 225 3.37 1.93 -11.50
CA PHE A 225 2.62 0.78 -11.01
C PHE A 225 3.05 0.40 -9.59
N TYR A 226 4.35 0.55 -9.29
CA TYR A 226 4.84 0.20 -7.96
C TYR A 226 4.23 1.11 -6.90
N ASN A 227 4.19 2.43 -7.16
CA ASN A 227 3.61 3.36 -6.21
C ASN A 227 2.09 3.30 -6.21
N GLY A 228 1.48 2.97 -7.34
CA GLY A 228 0.03 2.88 -7.38
C GLY A 228 -0.53 1.63 -6.75
N LEU A 229 0.21 0.52 -6.81
CA LEU A 229 -0.24 -0.73 -6.21
C LEU A 229 0.01 -0.80 -4.71
N TRP A 230 0.81 0.12 -4.16
CA TRP A 230 1.02 0.14 -2.71
C TRP A 230 -0.26 0.52 -1.98
N ALA A 231 -1.10 1.34 -2.59
CA ALA A 231 -2.40 1.66 -1.99
C ALA A 231 -3.30 0.43 -1.91
N TYR A 232 -3.19 -0.48 -2.88
CA TYR A 232 -3.91 -1.74 -2.86
C TYR A 232 -3.05 -2.77 -2.15
N ASP A 233 -3.00 -2.66 -0.82
CA ASP A 233 -2.19 -3.54 0.02
C ASP A 233 -3.13 -4.38 0.88
N GLY A 234 -3.28 -5.65 0.52
CA GLY A 234 -4.14 -6.54 1.26
C GLY A 234 -5.07 -7.36 0.38
N TRP A 235 -4.84 -7.30 -0.93
CA TRP A 235 -5.65 -8.07 -1.87
C TRP A 235 -5.25 -9.53 -1.95
N ASN A 236 -4.07 -9.89 -1.43
CA ASN A 236 -3.61 -11.27 -1.45
C ASN A 236 -3.97 -12.04 -0.19
N GLN A 237 -4.53 -11.37 0.82
CA GLN A 237 -4.91 -12.01 2.07
C GLN A 237 -6.40 -11.79 2.35
N LEU A 238 -7.22 -11.87 1.31
CA LEU A 238 -8.66 -11.70 1.44
C LEU A 238 -9.37 -13.00 1.79
N ASN A 239 -8.96 -14.11 1.17
CA ASN A 239 -9.59 -15.40 1.44
C ASN A 239 -9.25 -15.95 2.82
N TYR A 240 -8.25 -15.40 3.49
CA TYR A 240 -7.87 -15.89 4.81
C TYR A 240 -8.82 -15.42 5.90
N ILE A 241 -9.51 -14.29 5.68
CA ILE A 241 -10.39 -13.73 6.69
C ILE A 241 -11.81 -13.61 6.15
N THR A 242 -12.13 -14.43 5.15
CA THR A 242 -13.48 -14.41 4.58
C THR A 242 -14.06 -15.80 4.38
N GLU A 243 -13.44 -16.84 4.92
CA GLU A 243 -13.95 -18.20 4.80
C GLU A 243 -14.82 -18.61 5.98
N GLU A 244 -15.10 -17.69 6.91
CA GLU A 244 -15.92 -17.98 8.07
C GLU A 244 -17.19 -17.12 8.09
N LEU A 245 -17.58 -16.55 6.95
CA LEU A 245 -18.76 -15.71 6.89
C LEU A 245 -19.94 -16.48 6.32
N ARG A 246 -19.78 -17.04 5.12
CA ARG A 246 -20.85 -17.78 4.46
C ARG A 246 -20.21 -18.71 3.42
N ASN A 247 -21.05 -19.29 2.58
CA ASN A 247 -20.59 -20.22 1.55
C ASN A 247 -19.72 -19.48 0.53
N PRO A 248 -18.53 -19.99 0.22
CA PRO A 248 -17.67 -19.31 -0.76
C PRO A 248 -18.02 -19.67 -2.20
N TYR A 249 -19.20 -20.26 -2.40
CA TYR A 249 -19.63 -20.64 -3.75
C TYR A 249 -19.76 -19.42 -4.65
N ARG A 250 -20.65 -18.50 -4.28
CA ARG A 250 -20.86 -17.29 -5.07
C ARG A 250 -20.92 -16.05 -4.18
N ASN A 251 -20.15 -16.04 -3.09
CA ASN A 251 -20.09 -14.90 -2.19
C ASN A 251 -18.71 -14.28 -2.13
N LEU A 252 -17.66 -15.10 -2.02
CA LEU A 252 -16.30 -14.55 -2.01
C LEU A 252 -15.91 -13.99 -3.37
N PRO A 253 -16.10 -14.68 -4.49
CA PRO A 253 -15.79 -14.05 -5.78
C PRO A 253 -16.73 -12.90 -6.12
N LEU A 254 -17.94 -12.89 -5.57
CA LEU A 254 -18.87 -11.80 -5.83
C LEU A 254 -18.52 -10.55 -5.04
N ALA A 255 -18.02 -10.70 -3.81
CA ALA A 255 -17.61 -9.57 -3.00
C ALA A 255 -16.28 -8.97 -3.42
N ILE A 256 -15.59 -9.58 -4.39
CA ILE A 256 -14.33 -9.06 -4.89
C ILE A 256 -14.51 -8.37 -6.24
N ILE A 257 -15.35 -8.92 -7.11
CA ILE A 257 -15.57 -8.33 -8.42
C ILE A 257 -16.32 -7.00 -8.34
N ILE A 258 -16.96 -6.71 -7.21
CA ILE A 258 -17.61 -5.42 -7.00
C ILE A 258 -17.13 -4.73 -5.74
N GLY A 259 -16.17 -5.31 -5.01
CA GLY A 259 -15.64 -4.68 -3.82
C GLY A 259 -14.34 -3.95 -4.06
N ILE A 260 -13.45 -4.56 -4.83
CA ILE A 260 -12.18 -3.95 -5.18
C ILE A 260 -12.38 -2.85 -6.22
N PRO A 261 -13.19 -3.06 -7.27
CA PRO A 261 -13.48 -1.92 -8.18
C PRO A 261 -14.19 -0.78 -7.49
N LEU A 262 -14.95 -1.05 -6.43
CA LEU A 262 -15.55 0.04 -5.65
C LEU A 262 -14.48 0.89 -4.98
N VAL A 263 -13.42 0.25 -4.49
CA VAL A 263 -12.29 0.99 -3.93
C VAL A 263 -11.53 1.69 -5.05
N THR A 264 -11.45 1.08 -6.23
CA THR A 264 -10.79 1.72 -7.37
C THR A 264 -11.50 3.00 -7.77
N ALA A 265 -12.83 2.95 -7.88
CA ALA A 265 -13.59 4.18 -8.15
C ALA A 265 -13.49 5.15 -6.98
N CYS A 266 -13.34 4.63 -5.77
CA CYS A 266 -13.14 5.49 -4.61
C CYS A 266 -11.78 6.17 -4.66
N TYR A 267 -10.76 5.48 -5.17
CA TYR A 267 -9.44 6.08 -5.28
C TYR A 267 -9.40 7.11 -6.40
N ILE A 268 -10.10 6.85 -7.50
CA ILE A 268 -10.14 7.80 -8.61
C ILE A 268 -10.87 9.07 -8.19
N LEU A 269 -12.00 8.93 -7.49
CA LEU A 269 -12.73 10.10 -7.01
C LEU A 269 -11.93 10.86 -5.95
N MET A 270 -11.00 10.18 -5.27
CA MET A 270 -10.18 10.86 -4.29
C MET A 270 -8.97 11.54 -4.93
N ASN A 271 -8.48 11.02 -6.05
CA ASN A 271 -7.34 11.62 -6.73
C ASN A 271 -7.75 12.86 -7.50
N VAL A 272 -8.95 12.87 -8.08
CA VAL A 272 -9.41 14.06 -8.80
C VAL A 272 -9.72 15.20 -7.84
N SER A 273 -9.90 14.90 -6.55
CA SER A 273 -10.11 15.95 -5.56
C SER A 273 -8.84 16.73 -5.27
N TYR A 274 -7.67 16.18 -5.60
CA TYR A 274 -6.41 16.89 -5.40
C TYR A 274 -6.10 17.80 -6.59
N PHE A 275 -6.42 17.36 -7.81
CA PHE A 275 -6.07 18.09 -9.01
C PHE A 275 -6.97 19.30 -9.25
N THR A 276 -8.11 19.40 -8.57
CA THR A 276 -9.00 20.54 -8.71
C THR A 276 -8.72 21.63 -7.69
N VAL A 277 -7.92 21.35 -6.67
CA VAL A 277 -7.54 22.34 -5.66
C VAL A 277 -6.10 22.82 -5.89
N MET A 278 -5.15 21.90 -6.00
CA MET A 278 -3.77 22.23 -6.31
C MET A 278 -3.44 21.75 -7.72
N THR A 279 -2.57 22.49 -8.39
CA THR A 279 -2.20 22.17 -9.76
C THR A 279 -1.26 20.96 -9.79
N ALA A 280 -0.89 20.55 -11.00
CA ALA A 280 -0.06 19.35 -11.16
C ALA A 280 1.34 19.57 -10.62
N THR A 281 1.91 20.78 -10.81
CA THR A 281 3.27 21.04 -10.37
C THR A 281 3.40 21.16 -8.85
N GLU A 282 2.30 21.44 -8.14
CA GLU A 282 2.37 21.53 -6.69
C GLU A 282 2.40 20.16 -6.03
N LEU A 283 1.96 19.12 -6.73
CA LEU A 283 1.95 17.78 -6.15
C LEU A 283 3.34 17.18 -6.03
N LEU A 284 4.29 17.63 -6.85
CA LEU A 284 5.65 17.11 -6.76
C LEU A 284 6.37 17.62 -5.51
N GLN A 285 6.25 18.91 -5.23
CA GLN A 285 6.88 19.52 -4.05
C GLN A 285 5.94 19.49 -2.85
N SER A 286 5.44 18.31 -2.52
CA SER A 286 4.53 18.14 -1.38
C SER A 286 4.66 16.70 -0.89
N GLN A 287 5.39 16.51 0.21
CA GLN A 287 5.56 15.18 0.76
C GLN A 287 4.23 14.60 1.24
N ALA A 288 3.48 15.39 2.02
CA ALA A 288 2.17 15.00 2.50
C ALA A 288 1.13 15.77 1.71
N VAL A 289 0.48 15.10 0.76
CA VAL A 289 -0.47 15.79 -0.11
C VAL A 289 -1.80 16.02 0.60
N ALA A 290 -2.06 15.30 1.69
CA ALA A 290 -3.34 15.48 2.39
C ALA A 290 -3.32 16.69 3.31
N VAL A 291 -2.15 17.01 3.89
CA VAL A 291 -2.09 18.15 4.79
C VAL A 291 -2.17 19.47 4.02
N THR A 292 -1.72 19.49 2.78
CA THR A 292 -1.85 20.68 1.94
C THR A 292 -3.25 20.82 1.36
N PHE A 293 -3.97 19.72 1.20
CA PHE A 293 -5.37 19.78 0.79
C PHE A 293 -6.28 20.21 1.94
N GLY A 294 -5.83 19.99 3.18
CA GLY A 294 -6.64 20.33 4.33
C GLY A 294 -6.64 21.80 4.69
N ASP A 295 -5.64 22.56 4.26
CA ASP A 295 -5.58 23.99 4.54
C ASP A 295 -6.04 24.85 3.37
N ARG A 296 -6.10 24.30 2.16
CA ARG A 296 -6.56 25.05 1.00
C ARG A 296 -8.06 24.95 0.78
N VAL A 297 -8.74 24.02 1.48
CA VAL A 297 -10.18 23.88 1.36
C VAL A 297 -10.84 24.18 2.71
N LEU A 298 -10.47 23.40 3.72
CA LEU A 298 -11.00 23.60 5.07
C LEU A 298 -10.01 24.43 5.89
N TYR A 299 -9.96 25.73 5.57
CA TYR A 299 -9.02 26.62 6.23
C TYR A 299 -9.27 26.75 7.73
N PRO A 300 -10.51 27.01 8.22
CA PRO A 300 -10.68 27.12 9.67
C PRO A 300 -10.40 25.83 10.42
N ALA A 301 -10.87 24.70 9.91
CA ALA A 301 -10.62 23.39 10.50
C ALA A 301 -9.66 22.63 9.58
N SER A 302 -8.36 22.86 9.79
CA SER A 302 -7.33 22.24 8.97
C SER A 302 -6.45 21.26 9.72
N TRP A 303 -6.62 21.13 11.03
CA TRP A 303 -5.84 20.20 11.83
C TRP A 303 -6.45 18.82 11.91
N ILE A 304 -7.68 18.64 11.42
CA ILE A 304 -8.34 17.33 11.52
C ILE A 304 -7.81 16.37 10.46
N VAL A 305 -7.28 16.88 9.36
CA VAL A 305 -6.77 16.03 8.29
C VAL A 305 -5.42 15.43 8.70
N PRO A 306 -4.41 16.21 9.13
CA PRO A 306 -3.15 15.58 9.52
C PRO A 306 -3.24 14.77 10.82
N LEU A 307 -4.31 14.92 11.59
CA LEU A 307 -4.47 14.17 12.82
C LEU A 307 -5.13 12.82 12.59
N PHE A 308 -6.18 12.77 11.78
CA PHE A 308 -6.89 11.52 11.54
C PHE A 308 -6.06 10.55 10.71
N VAL A 309 -5.40 11.05 9.66
CA VAL A 309 -4.59 10.19 8.82
C VAL A 309 -3.34 9.72 9.54
N ALA A 310 -2.93 10.39 10.62
CA ALA A 310 -1.81 9.92 11.41
C ALA A 310 -2.26 9.02 12.54
N PHE A 311 -3.44 9.30 13.10
CA PHE A 311 -4.01 8.43 14.13
C PHE A 311 -4.43 7.07 13.58
N SER A 312 -4.78 7.00 12.29
CA SER A 312 -5.16 5.75 11.66
C SER A 312 -3.97 5.02 11.05
N THR A 313 -2.91 5.74 10.68
CA THR A 313 -1.73 5.11 10.11
C THR A 313 -0.97 4.31 11.17
N ILE A 314 -0.86 4.84 12.37
CA ILE A 314 -0.14 4.15 13.43
C ILE A 314 -0.88 2.88 13.87
N GLY A 315 -2.17 2.77 13.58
CA GLY A 315 -2.92 1.58 13.92
C GLY A 315 -2.75 0.47 12.91
N ALA A 316 -2.53 0.83 11.64
CA ALA A 316 -2.35 -0.17 10.60
C ALA A 316 -0.98 -0.84 10.67
N ALA A 317 -0.01 -0.23 11.35
CA ALA A 317 1.33 -0.80 11.46
C ALA A 317 1.35 -1.93 12.50
N PRO A 351 3.69 -13.49 20.08
CA PRO A 351 4.96 -13.74 19.38
C PRO A 351 6.02 -12.70 19.72
N ALA A 352 6.75 -12.94 20.82
CA ALA A 352 7.78 -11.97 21.22
C ALA A 352 9.00 -11.99 20.30
N PRO A 353 9.58 -13.14 19.95
CA PRO A 353 10.76 -13.09 19.05
C PRO A 353 10.41 -12.61 17.65
N ALA A 354 9.17 -12.75 17.22
CA ALA A 354 8.80 -12.31 15.86
C ALA A 354 8.66 -10.79 15.79
N ILE A 355 8.08 -10.18 16.83
CA ILE A 355 7.90 -8.73 16.82
C ILE A 355 9.24 -8.02 17.01
N ILE A 356 10.09 -8.55 17.89
CA ILE A 356 11.40 -7.93 18.11
C ILE A 356 12.25 -8.02 16.85
N PHE A 357 12.21 -9.16 16.16
CA PHE A 357 12.98 -9.30 14.93
C PHE A 357 12.40 -8.44 13.82
N TYR A 358 11.10 -8.16 13.85
CA TYR A 358 10.48 -7.30 12.86
C TYR A 358 10.67 -5.82 13.16
N GLY A 359 11.10 -5.48 14.37
CA GLY A 359 11.32 -4.10 14.74
C GLY A 359 12.78 -3.70 14.76
N ILE A 360 13.67 -4.70 14.79
CA ILE A 360 15.10 -4.41 14.82
C ILE A 360 15.62 -4.19 13.41
N ILE A 361 15.30 -5.10 12.48
CA ILE A 361 15.77 -4.97 11.10
C ILE A 361 14.97 -3.95 10.31
N ALA A 362 13.83 -3.49 10.83
CA ALA A 362 13.08 -2.44 10.16
C ALA A 362 13.64 -1.06 10.44
N THR A 363 14.37 -0.89 11.55
CA THR A 363 14.99 0.40 11.84
C THR A 363 16.17 0.68 10.91
N ILE A 364 16.89 -0.36 10.51
CA ILE A 364 18.01 -0.19 9.57
C ILE A 364 17.54 -0.04 8.13
N TYR A 365 16.23 -0.10 7.88
CA TYR A 365 15.70 0.10 6.55
C TYR A 365 15.35 1.55 6.26
N ILE A 366 15.17 2.38 7.29
CA ILE A 366 14.83 3.78 7.11
C ILE A 366 16.05 4.69 7.14
N ILE A 367 17.22 4.18 7.53
CA ILE A 367 18.43 4.99 7.58
C ILE A 367 18.96 5.25 6.17
N PRO A 368 19.18 4.23 5.33
CA PRO A 368 19.69 4.51 3.98
C PRO A 368 18.62 4.62 2.90
N GLY A 369 17.35 4.55 3.26
CA GLY A 369 16.28 4.63 2.28
C GLY A 369 15.17 5.55 2.73
N ASP A 370 14.64 6.32 1.77
CA ASP A 370 13.55 7.24 2.03
C ASP A 370 12.21 6.52 1.85
N ILE A 371 11.11 7.28 1.90
CA ILE A 371 9.80 6.69 1.72
C ILE A 371 9.54 6.31 0.27
N ASN A 372 10.31 6.87 -0.67
CA ASN A 372 10.16 6.53 -2.08
C ASN A 372 11.06 5.38 -2.49
N SER A 373 12.22 5.23 -1.84
CA SER A 373 13.15 4.15 -2.16
C SER A 373 12.75 2.82 -1.54
N LEU A 374 11.69 2.79 -0.72
CA LEU A 374 11.24 1.55 -0.11
C LEU A 374 9.98 0.98 -0.75
N VAL A 375 9.17 1.81 -1.40
CA VAL A 375 7.97 1.30 -2.07
C VAL A 375 8.36 0.48 -3.28
N ASN A 376 9.30 0.96 -4.09
CA ASN A 376 9.82 0.19 -5.21
C ASN A 376 10.74 -0.93 -4.78
N TYR A 377 11.15 -0.96 -3.51
CA TYR A 377 11.93 -2.05 -2.96
C TYR A 377 11.07 -3.18 -2.42
N PHE A 378 9.89 -2.86 -1.87
CA PHE A 378 8.99 -3.89 -1.38
C PHE A 378 8.12 -4.45 -2.50
N SER A 379 7.61 -3.59 -3.38
CA SER A 379 6.77 -4.04 -4.49
C SER A 379 7.54 -4.85 -5.51
N PHE A 380 8.88 -4.75 -5.54
CA PHE A 380 9.66 -5.57 -6.46
C PHE A 380 9.65 -7.03 -6.03
N ALA A 381 9.99 -7.29 -4.77
CA ALA A 381 10.00 -8.67 -4.29
C ALA A 381 8.60 -9.22 -4.12
N ALA A 382 7.65 -8.36 -3.75
CA ALA A 382 6.26 -8.82 -3.55
C ALA A 382 5.65 -9.30 -4.85
N TRP A 383 5.74 -8.48 -5.91
CA TRP A 383 5.16 -8.85 -7.18
C TRP A 383 5.97 -9.94 -7.89
N LEU A 384 7.24 -10.11 -7.51
CA LEU A 384 8.02 -11.20 -8.05
C LEU A 384 7.47 -12.55 -7.60
N PHE A 385 7.08 -12.65 -6.33
CA PHE A 385 6.49 -13.88 -5.83
C PHE A 385 5.01 -13.98 -6.20
N TYR A 386 4.35 -12.85 -6.44
CA TYR A 386 2.98 -12.88 -6.92
C TYR A 386 2.90 -13.50 -8.30
N GLY A 387 3.84 -13.16 -9.18
CA GLY A 387 3.87 -13.78 -10.50
C GLY A 387 4.18 -15.27 -10.44
N LEU A 388 5.04 -15.67 -9.51
CA LEU A 388 5.33 -17.10 -9.34
C LEU A 388 4.11 -17.84 -8.81
N THR A 389 3.28 -17.16 -8.01
CA THR A 389 2.06 -17.78 -7.52
C THR A 389 1.04 -17.99 -8.64
N ILE A 390 0.92 -17.01 -9.54
CA ILE A 390 0.02 -17.17 -10.68
C ILE A 390 0.57 -18.20 -11.65
N LEU A 391 1.89 -18.22 -11.84
CA LEU A 391 2.50 -19.22 -12.71
C LEU A 391 2.34 -20.62 -12.15
N GLY A 392 2.36 -20.74 -10.82
CA GLY A 392 2.16 -22.05 -10.21
C GLY A 392 0.76 -22.58 -10.41
N LEU A 393 -0.23 -21.67 -10.49
CA LEU A 393 -1.60 -22.10 -10.73
C LEU A 393 -1.80 -22.63 -12.14
N ILE A 394 -1.17 -21.97 -13.11
CA ILE A 394 -1.29 -22.42 -14.50
C ILE A 394 -0.66 -23.80 -14.68
N VAL A 395 0.53 -23.99 -14.12
CA VAL A 395 1.21 -25.27 -14.20
C VAL A 395 0.68 -26.24 -13.15
N ILE A 413 -7.88 -14.69 -17.08
CA ILE A 413 -7.29 -13.94 -15.97
C ILE A 413 -5.83 -14.35 -15.69
N PRO A 414 -5.54 -15.65 -15.53
CA PRO A 414 -4.14 -16.03 -15.27
C PRO A 414 -3.22 -15.75 -16.44
N VAL A 415 -3.74 -15.78 -17.67
CA VAL A 415 -2.91 -15.48 -18.84
C VAL A 415 -2.51 -14.02 -18.84
N LEU A 416 -3.33 -13.14 -18.27
CA LEU A 416 -3.01 -11.72 -18.19
C LEU A 416 -2.28 -11.37 -16.91
N MET A 417 -2.61 -12.05 -15.80
CA MET A 417 -1.93 -11.78 -14.55
C MET A 417 -0.45 -12.16 -14.61
N THR A 418 -0.11 -13.16 -15.42
CA THR A 418 1.29 -13.59 -15.52
C THR A 418 2.08 -12.69 -16.46
N LEU A 419 1.49 -12.31 -17.60
CA LEU A 419 2.20 -11.47 -18.56
C LEU A 419 2.41 -10.06 -18.03
N ILE A 420 1.55 -9.59 -17.13
CA ILE A 420 1.69 -8.26 -16.56
C ILE A 420 2.59 -8.27 -15.34
N SER A 421 2.75 -9.41 -14.68
CA SER A 421 3.62 -9.47 -13.50
C SER A 421 5.08 -9.59 -13.90
N VAL A 422 5.38 -10.30 -14.99
CA VAL A 422 6.76 -10.42 -15.44
C VAL A 422 7.25 -9.08 -16.00
N PHE A 423 6.35 -8.29 -16.57
CA PHE A 423 6.74 -6.97 -17.06
C PHE A 423 7.04 -6.02 -15.91
N LEU A 424 6.30 -6.13 -14.81
CA LEU A 424 6.52 -5.27 -13.66
C LEU A 424 7.84 -5.55 -12.96
N VAL A 425 8.47 -6.69 -13.24
CA VAL A 425 9.74 -7.05 -12.62
C VAL A 425 10.92 -6.83 -13.56
N LEU A 426 10.77 -7.12 -14.85
CA LEU A 426 11.88 -6.97 -15.79
C LEU A 426 12.04 -5.54 -16.29
N ALA A 427 11.03 -4.68 -16.13
CA ALA A 427 11.17 -3.30 -16.59
C ALA A 427 12.15 -2.51 -15.75
N PRO A 428 12.11 -2.52 -14.42
CA PRO A 428 13.13 -1.80 -13.65
C PRO A 428 14.52 -2.42 -13.77
N ILE A 429 14.62 -3.69 -14.15
CA ILE A 429 15.91 -4.34 -14.30
C ILE A 429 16.30 -4.41 -15.78
N TYR A 437 17.13 -1.64 -6.57
CA TYR A 437 16.84 -2.98 -7.09
C TYR A 437 18.07 -3.87 -7.03
N LEU A 438 19.25 -3.26 -7.18
CA LEU A 438 20.49 -4.03 -7.14
C LEU A 438 20.77 -4.57 -5.74
N TYR A 439 20.33 -3.85 -4.71
CA TYR A 439 20.50 -4.30 -3.33
C TYR A 439 19.38 -5.21 -2.87
N CYS A 440 18.54 -5.69 -3.79
CA CYS A 440 17.43 -6.58 -3.47
C CYS A 440 17.60 -7.99 -4.01
N VAL A 441 18.23 -8.15 -5.16
CA VAL A 441 18.41 -9.48 -5.74
C VAL A 441 19.46 -10.30 -5.01
N LEU A 442 20.27 -9.68 -4.16
CA LEU A 442 21.29 -10.39 -3.38
C LEU A 442 20.78 -10.75 -1.99
N PHE A 443 19.48 -10.58 -1.74
CA PHE A 443 18.90 -10.88 -0.45
C PHE A 443 17.83 -11.96 -0.57
N ILE A 444 17.08 -11.95 -1.67
CA ILE A 444 16.00 -12.89 -1.89
C ILE A 444 16.41 -14.00 -2.86
N LEU A 445 17.41 -13.75 -3.69
CA LEU A 445 17.88 -14.73 -4.66
C LEU A 445 19.28 -15.24 -4.35
N SER A 446 19.93 -14.70 -3.32
CA SER A 446 21.27 -15.12 -2.96
C SER A 446 21.37 -15.47 -1.48
N GLY A 447 20.51 -14.86 -0.65
CA GLY A 447 20.60 -15.09 0.77
C GLY A 447 20.27 -16.51 1.18
N LEU A 448 19.15 -17.04 0.69
CA LEU A 448 18.71 -18.37 1.11
C LEU A 448 19.26 -19.47 0.22
N LEU A 449 19.61 -19.16 -1.02
CA LEU A 449 20.14 -20.19 -1.91
C LEU A 449 21.49 -20.70 -1.43
N PHE A 450 22.20 -19.90 -0.64
CA PHE A 450 23.41 -20.39 0.01
C PHE A 450 23.08 -21.19 1.26
N TYR A 451 21.91 -20.95 1.85
CA TYR A 451 21.48 -21.66 3.05
C TYR A 451 20.82 -22.99 2.67
N PHE A 452 20.02 -22.99 1.61
CA PHE A 452 19.32 -24.20 1.18
C PHE A 452 20.29 -25.23 0.61
#